data_6YMK
#
_entry.id   6YMK
#
_cell.length_a   87.100
_cell.length_b   147.847
_cell.length_c   75.009
_cell.angle_alpha   90.000
_cell.angle_beta   91.842
_cell.angle_gamma   90.000
#
_symmetry.space_group_name_H-M   'C 1 2 1'
#
loop_
_entity.id
_entity.type
_entity.pdbx_description
1 polymer 'Chains: A,C,F,I,M,O'
2 polymer 'Chains: B,D,G,J,N,P'
3 non-polymer "5'-DEOXY-5'-METHYLTHIOADENOSINE"
4 non-polymer 'SULFATE ION'
5 non-polymer 'SODIUM ION'
6 water water
#
loop_
_entity_poly.entity_id
_entity_poly.type
_entity_poly.pdbx_seq_one_letter_code
_entity_poly.pdbx_strand_id
1 'polyribonucleotide' GGU(CBV)ACAACGGCUUCCUGGCGUGACC A,C,F,I,M,O
2 'polyribonucleotide' AUUGGAGCA B,D,G,J,N,P
#